data_6BKS
#
_entry.id   6BKS
#
_cell.length_a   100.612
_cell.length_b   100.612
_cell.length_c   385.648
_cell.angle_alpha   90.00
_cell.angle_beta   90.00
_cell.angle_gamma   120.00
#
_symmetry.space_group_name_H-M   'H 3 2'
#
loop_
_entity.id
_entity.type
_entity.pdbx_description
1 polymer Hemagglutinin
2 polymer Hemagglutinin
3 branched beta-D-mannopyranose-(1-4)-2-acetamido-2-deoxy-beta-D-glucopyranose-(1-4)-2-acetamido-2-deoxy-beta-D-glucopyranose
4 branched alpha-D-mannopyranose-(1-3)-[alpha-D-mannopyranose-(1-6)]beta-D-mannopyranose-(1-4)-2-acetamido-2-deoxy-beta-D-glucopyranose-(1-4)-2-acetamido-2-deoxy-beta-D-glucopyranose
5 branched 2-acetamido-2-deoxy-beta-D-glucopyranose-(1-4)-2-acetamido-2-deoxy-beta-D-glucopyranose
6 non-polymer 2-acetamido-2-deoxy-beta-D-glucopyranose
7 non-polymer 'N-acetyl-alpha-neuraminic acid'
8 water water
#
loop_
_entity_poly.entity_id
_entity_poly.type
_entity_poly.pdbx_seq_one_letter_code
_entity_poly.pdbx_strand_id
1 'polypeptide(L)'
;ADPGATLCLGHHAVPNGTIVKTITNDQIEVTNATELVQSSSTGGICDSPHQILDGENCTLIDALLGDPQCDGFQNKKWDL
FVERSKAYSNCYPYDVPDYASLRSLVASSGTLEFNNESFNWAGVTQNGTSSACKRRSNKSFFSRLNWLTHLKYKYPALNV
TMPNNEKFDKLYIWGVHHPVTDSEQISLYAQASGRITVSTKRSQQTVIPNIGFRPRVRDISSRISIYWTIVKPGDILLIN
STGNLIAPRGYFKIRSGKSSIMRSDAPIGKCNSECITPNGSIPNDKPFQNVNRITYGACPRYVKQNTLKLATGMRNVPEK
QTR
;
A
2 'polypeptide(L)'
;GIFGAIAGFIENGWEGMVDGWYGFRHQNSEGTGQAADLKSTQAAINQINGKLNRLIGKTNEKFHQIEKEFSEVEGRIQDL
EKYVEDTKIDLWSYNAELLVALENQHTIDLTDSEMNKLFERTKKQLRENAEDMGNGCFKIYHKCDNACIESIRNGTYDHD
VYRDEALNNRFQIK
;
B
#
# COMPACT_ATOMS: atom_id res chain seq x y z
N PRO A 3 46.51 38.66 -27.95
CA PRO A 3 45.06 38.41 -27.88
C PRO A 3 44.67 37.36 -26.80
N GLY A 4 45.20 36.14 -26.92
CA GLY A 4 44.98 35.10 -25.93
C GLY A 4 43.70 34.33 -26.18
N ALA A 5 43.07 33.87 -25.10
CA ALA A 5 41.83 33.13 -25.22
C ALA A 5 40.98 33.36 -23.97
N THR A 6 39.73 32.95 -24.08
CA THR A 6 38.84 32.93 -22.93
CA THR A 6 38.79 32.94 -22.94
C THR A 6 38.25 31.53 -22.78
N LEU A 7 38.19 31.05 -21.55
CA LEU A 7 37.65 29.74 -21.26
C LEU A 7 36.64 29.90 -20.11
N CYS A 8 35.38 29.62 -20.40
CA CYS A 8 34.28 29.78 -19.45
C CYS A 8 33.78 28.41 -19.00
N LEU A 9 33.58 28.28 -17.68
CA LEU A 9 32.98 27.12 -17.09
C LEU A 9 31.49 27.36 -16.98
N GLY A 10 30.69 26.33 -17.21
CA GLY A 10 29.25 26.48 -17.08
C GLY A 10 28.50 25.18 -16.95
N HIS A 11 27.18 25.31 -17.00
CA HIS A 11 26.32 24.20 -16.78
C HIS A 11 25.09 24.33 -17.64
N HIS A 12 24.37 23.23 -17.83
CA HIS A 12 23.21 23.24 -18.69
C HIS A 12 22.00 23.92 -18.07
N ALA A 13 21.00 24.17 -18.92
CA ALA A 13 19.70 24.63 -18.47
C ALA A 13 18.72 24.08 -19.50
N VAL A 14 17.43 24.15 -19.17
CA VAL A 14 16.39 23.70 -20.08
C VAL A 14 15.31 24.80 -20.20
N PRO A 15 14.59 24.81 -21.34
CA PRO A 15 13.52 25.76 -21.50
C PRO A 15 12.28 25.41 -20.71
N ASN A 16 12.13 24.16 -20.26
CA ASN A 16 10.92 23.73 -19.55
C ASN A 16 11.25 23.13 -18.16
N GLY A 17 11.64 23.98 -17.22
CA GLY A 17 12.03 23.49 -15.88
C GLY A 17 10.83 23.12 -15.02
N THR A 18 11.07 22.52 -13.85
CA THR A 18 9.96 22.14 -12.95
C THR A 18 10.16 22.67 -11.54
N ILE A 19 9.05 23.04 -10.92
CA ILE A 19 9.09 23.70 -9.61
C ILE A 19 9.08 22.65 -8.50
N VAL A 20 10.04 22.75 -7.58
CA VAL A 20 10.09 21.91 -6.39
C VAL A 20 10.17 22.73 -5.11
N LYS A 21 9.95 22.03 -3.98
CA LYS A 21 10.08 22.60 -2.64
C LYS A 21 11.43 22.22 -2.02
N THR A 22 11.98 23.13 -1.24
CA THR A 22 13.20 22.93 -0.50
C THR A 22 13.01 23.38 0.95
N ILE A 23 14.07 23.30 1.75
N ILE A 23 14.09 23.25 1.73
CA ILE A 23 14.03 23.73 3.13
CA ILE A 23 14.19 23.74 3.11
C ILE A 23 13.94 25.27 3.25
C ILE A 23 13.92 25.25 3.22
N THR A 24 14.49 25.98 2.29
CA THR A 24 14.51 27.47 2.32
C THR A 24 13.56 28.14 1.33
N ASN A 25 12.90 27.40 0.46
CA ASN A 25 12.05 28.04 -0.57
C ASN A 25 10.98 27.08 -0.99
N ASP A 26 9.73 27.51 -0.95
CA ASP A 26 8.64 26.65 -1.38
C ASP A 26 8.55 26.44 -2.90
N GLN A 27 9.22 27.29 -3.69
CA GLN A 27 9.18 27.21 -5.14
C GLN A 27 10.52 27.52 -5.75
N ILE A 28 11.26 26.49 -6.14
CA ILE A 28 12.46 26.70 -6.89
CA ILE A 28 12.55 26.61 -6.84
C ILE A 28 12.46 25.81 -8.14
N GLU A 29 12.89 26.41 -9.25
CA GLU A 29 12.87 25.68 -10.51
C GLU A 29 14.17 24.87 -10.68
N VAL A 30 14.00 23.59 -10.96
CA VAL A 30 15.10 22.67 -11.31
C VAL A 30 14.92 22.16 -12.75
N THR A 31 15.96 21.50 -13.27
CA THR A 31 15.93 21.08 -14.67
C THR A 31 15.01 19.87 -14.85
N ASN A 32 14.79 19.11 -13.79
CA ASN A 32 14.04 17.86 -13.93
C ASN A 32 13.64 17.42 -12.52
N ALA A 33 12.54 16.67 -12.45
CA ALA A 33 12.07 16.11 -11.20
C ALA A 33 11.26 14.85 -11.48
N THR A 34 11.00 14.09 -10.42
CA THR A 34 10.17 12.89 -10.54
C THR A 34 9.12 12.89 -9.42
N GLU A 35 7.95 12.34 -9.72
CA GLU A 35 6.83 12.38 -8.80
C GLU A 35 6.96 11.22 -7.81
N LEU A 36 6.82 11.49 -6.52
CA LEU A 36 6.93 10.44 -5.48
C LEU A 36 5.58 9.93 -4.93
N VAL A 37 4.48 10.59 -5.31
CA VAL A 37 3.12 10.18 -4.89
C VAL A 37 2.32 9.62 -6.06
N GLN A 38 1.90 8.37 -5.93
CA GLN A 38 1.03 7.73 -6.89
C GLN A 38 -0.39 8.21 -6.64
N SER A 39 -0.98 8.87 -7.63
CA SER A 39 -2.30 9.45 -7.41
C SER A 39 -3.39 8.90 -8.30
N SER A 40 -3.08 7.99 -9.20
CA SER A 40 -4.10 7.42 -10.08
C SER A 40 -4.09 5.92 -9.95
N SER A 41 -5.26 5.33 -10.23
CA SER A 41 -5.46 3.89 -10.38
CA SER A 41 -5.41 3.90 -10.37
C SER A 41 -5.98 3.58 -11.76
N THR A 42 -5.78 2.33 -12.18
CA THR A 42 -6.38 1.79 -13.42
C THR A 42 -7.92 1.69 -13.31
N GLY A 43 -8.44 1.64 -12.09
CA GLY A 43 -9.89 1.50 -11.86
C GLY A 43 -10.35 0.05 -11.71
N GLY A 44 -9.52 -0.92 -12.04
CA GLY A 44 -9.84 -2.34 -11.82
C GLY A 44 -8.87 -3.01 -10.90
N ILE A 45 -9.32 -4.10 -10.29
CA ILE A 45 -8.48 -4.96 -9.47
C ILE A 45 -7.89 -6.06 -10.36
N CYS A 46 -6.57 -6.06 -10.51
CA CYS A 46 -5.90 -7.13 -11.26
C CYS A 46 -5.96 -8.49 -10.56
N ASP A 47 -6.35 -9.51 -11.31
CA ASP A 47 -6.47 -10.86 -10.77
C ASP A 47 -5.13 -11.52 -10.42
N SER A 48 -4.03 -10.92 -10.86
CA SER A 48 -2.72 -11.49 -10.58
C SER A 48 -1.85 -10.42 -9.91
N PRO A 49 -0.88 -10.80 -9.06
CA PRO A 49 -0.49 -12.17 -8.75
C PRO A 49 -1.11 -12.72 -7.45
N HIS A 50 -1.99 -11.96 -6.80
CA HIS A 50 -2.66 -12.43 -5.60
C HIS A 50 -3.90 -13.22 -6.03
N GLN A 51 -4.24 -14.24 -5.25
CA GLN A 51 -5.44 -15.04 -5.54
C GLN A 51 -6.64 -14.23 -5.04
N ILE A 52 -7.44 -13.78 -6.00
CA ILE A 52 -8.59 -12.92 -5.71
C ILE A 52 -9.85 -13.75 -5.70
N LEU A 53 -10.70 -13.54 -4.68
CA LEU A 53 -12.02 -14.19 -4.64
C LEU A 53 -13.08 -13.11 -4.56
N ASP A 54 -13.83 -12.96 -5.63
CA ASP A 54 -14.92 -11.99 -5.72
C ASP A 54 -16.12 -12.57 -5.01
N GLY A 55 -16.58 -11.92 -3.94
CA GLY A 55 -17.75 -12.37 -3.19
C GLY A 55 -19.06 -12.28 -3.96
N GLU A 56 -19.11 -11.44 -5.00
CA GLU A 56 -20.32 -11.24 -5.81
C GLU A 56 -21.50 -10.92 -4.88
N ASN A 57 -22.54 -11.75 -4.85
CA ASN A 57 -23.67 -11.52 -3.95
C ASN A 57 -23.45 -11.86 -2.48
N CYS A 58 -22.31 -12.45 -2.15
CA CYS A 58 -22.08 -13.02 -0.85
C CYS A 58 -21.11 -12.22 -0.01
N THR A 59 -21.49 -11.90 1.21
CA THR A 59 -20.50 -11.53 2.21
C THR A 59 -19.69 -12.78 2.56
N LEU A 60 -18.49 -12.57 3.12
CA LEU A 60 -17.70 -13.69 3.61
C LEU A 60 -18.49 -14.53 4.60
N ILE A 61 -19.19 -13.86 5.53
CA ILE A 61 -19.94 -14.59 6.54
C ILE A 61 -21.07 -15.41 5.89
N ASP A 62 -21.77 -14.86 4.90
CA ASP A 62 -22.78 -15.70 4.18
C ASP A 62 -22.16 -16.89 3.43
N ALA A 63 -20.98 -16.69 2.86
CA ALA A 63 -20.27 -17.81 2.23
C ALA A 63 -19.83 -18.90 3.23
N LEU A 64 -19.40 -18.46 4.42
CA LEU A 64 -19.07 -19.32 5.56
C LEU A 64 -20.28 -20.16 5.99
N LEU A 65 -21.39 -19.48 6.31
CA LEU A 65 -22.55 -20.17 6.86
C LEU A 65 -23.18 -21.07 5.82
N GLY A 66 -23.13 -20.63 4.56
CA GLY A 66 -23.69 -21.38 3.47
C GLY A 66 -25.08 -20.89 3.07
N ASP A 67 -25.21 -19.59 2.84
CA ASP A 67 -26.42 -18.98 2.24
C ASP A 67 -26.66 -19.58 0.84
N PRO A 68 -27.94 -19.73 0.41
CA PRO A 68 -28.21 -20.41 -0.88
C PRO A 68 -27.57 -19.75 -2.11
N GLN A 69 -27.28 -18.47 -2.05
CA GLN A 69 -26.59 -17.82 -3.18
C GLN A 69 -25.06 -18.07 -3.20
N CYS A 70 -24.52 -18.82 -2.24
CA CYS A 70 -23.06 -18.91 -2.00
C CYS A 70 -22.47 -20.31 -2.09
N ASP A 71 -23.22 -21.27 -2.64
CA ASP A 71 -22.75 -22.67 -2.71
C ASP A 71 -21.49 -22.88 -3.56
N GLY A 72 -21.29 -22.03 -4.56
CA GLY A 72 -20.07 -22.08 -5.38
C GLY A 72 -18.78 -21.75 -4.61
N PHE A 73 -18.88 -21.14 -3.43
CA PHE A 73 -17.71 -20.77 -2.57
C PHE A 73 -17.13 -21.92 -1.68
N GLN A 74 -17.78 -23.08 -1.65
CA GLN A 74 -17.39 -24.13 -0.74
C GLN A 74 -15.94 -24.49 -0.94
N ASN A 75 -15.21 -24.45 0.18
CA ASN A 75 -13.85 -24.93 0.23
C ASN A 75 -12.85 -24.06 -0.51
N LYS A 76 -13.28 -22.91 -1.01
CA LYS A 76 -12.36 -22.02 -1.73
C LYS A 76 -11.41 -21.28 -0.80
N LYS A 77 -10.27 -20.89 -1.36
CA LYS A 77 -9.18 -20.20 -0.67
C LYS A 77 -8.98 -18.83 -1.39
N TRP A 78 -8.33 -17.89 -0.70
CA TRP A 78 -8.06 -16.55 -1.28
C TRP A 78 -6.84 -15.97 -0.60
N ASP A 79 -6.17 -15.09 -1.33
CA ASP A 79 -5.33 -14.09 -0.74
C ASP A 79 -6.16 -12.85 -0.37
N LEU A 80 -7.07 -12.42 -1.24
CA LEU A 80 -7.95 -11.30 -0.96
C LEU A 80 -9.37 -11.61 -1.35
N PHE A 81 -10.25 -11.61 -0.36
CA PHE A 81 -11.68 -11.76 -0.55
C PHE A 81 -12.25 -10.36 -0.79
N VAL A 82 -12.96 -10.17 -1.89
CA VAL A 82 -13.50 -8.86 -2.22
C VAL A 82 -14.99 -8.87 -2.00
N GLU A 83 -15.41 -8.09 -0.99
CA GLU A 83 -16.84 -7.91 -0.63
C GLU A 83 -17.49 -6.74 -1.33
N ARG A 84 -18.62 -7.00 -1.96
CA ARG A 84 -19.32 -6.01 -2.82
C ARG A 84 -20.40 -5.32 -2.02
N SER A 85 -20.64 -4.01 -2.28
CA SER A 85 -21.64 -3.27 -1.52
C SER A 85 -23.07 -3.76 -1.77
N LYS A 86 -23.32 -4.37 -2.92
CA LYS A 86 -24.65 -4.93 -3.23
C LYS A 86 -24.97 -6.26 -2.54
N ALA A 87 -23.99 -6.89 -1.88
CA ALA A 87 -24.25 -8.22 -1.27
C ALA A 87 -25.37 -8.12 -0.25
N TYR A 88 -26.21 -9.15 -0.19
CA TYR A 88 -27.33 -9.19 0.75
C TYR A 88 -27.59 -10.66 1.09
N SER A 89 -28.17 -10.90 2.25
CA SER A 89 -28.51 -12.25 2.71
C SER A 89 -29.86 -12.70 2.18
N ASN A 90 -29.99 -14.00 1.94
CA ASN A 90 -31.24 -14.56 1.45
C ASN A 90 -31.51 -15.93 2.11
N CYS A 91 -31.32 -15.95 3.43
CA CYS A 91 -31.57 -17.11 4.26
C CYS A 91 -32.30 -16.64 5.52
N TYR A 92 -32.25 -17.42 6.58
CA TYR A 92 -32.95 -17.09 7.82
C TYR A 92 -32.29 -15.87 8.43
N PRO A 93 -33.09 -14.93 8.97
CA PRO A 93 -32.46 -13.75 9.54
C PRO A 93 -31.60 -14.06 10.78
N TYR A 94 -30.37 -13.55 10.76
CA TYR A 94 -29.43 -13.83 11.82
C TYR A 94 -28.60 -12.60 12.20
N ASP A 95 -28.00 -12.70 13.38
CA ASP A 95 -26.94 -11.80 13.80
C ASP A 95 -25.76 -12.58 14.38
N VAL A 96 -24.62 -11.91 14.46
CA VAL A 96 -23.40 -12.49 14.98
C VAL A 96 -22.89 -11.49 16.00
N PRO A 97 -23.04 -11.78 17.30
CA PRO A 97 -22.35 -10.95 18.27
C PRO A 97 -20.84 -10.98 17.92
N ASP A 98 -20.21 -9.81 17.82
CA ASP A 98 -18.79 -9.75 17.45
C ASP A 98 -18.52 -9.98 15.93
N TYR A 99 -19.57 -9.88 15.12
CA TYR A 99 -19.49 -10.05 13.66
C TYR A 99 -18.13 -9.66 13.12
N ALA A 100 -17.65 -8.46 13.49
CA ALA A 100 -16.38 -7.98 12.96
C ALA A 100 -15.23 -8.92 13.22
N SER A 101 -15.19 -9.53 14.40
CA SER A 101 -14.11 -10.47 14.75
C SER A 101 -14.17 -11.80 13.99
N LEU A 102 -15.36 -12.35 13.83
CA LEU A 102 -15.52 -13.57 13.04
C LEU A 102 -15.13 -13.32 11.58
N ARG A 103 -15.60 -12.21 11.01
CA ARG A 103 -15.26 -11.81 9.64
C ARG A 103 -13.75 -11.70 9.50
N SER A 104 -13.13 -11.00 10.46
CA SER A 104 -11.68 -10.80 10.44
C SER A 104 -10.88 -12.09 10.53
N LEU A 105 -11.23 -12.97 11.48
CA LEU A 105 -10.44 -14.18 11.66
C LEU A 105 -10.57 -15.16 10.46
N VAL A 106 -11.75 -15.24 9.84
CA VAL A 106 -11.93 -16.05 8.65
C VAL A 106 -11.18 -15.43 7.47
N ALA A 107 -11.31 -14.11 7.31
CA ALA A 107 -10.61 -13.39 6.26
C ALA A 107 -9.10 -13.63 6.29
N SER A 108 -8.55 -13.53 7.49
CA SER A 108 -7.11 -13.72 7.75
C SER A 108 -6.64 -15.19 7.56
N SER A 109 -7.51 -16.13 7.89
CA SER A 109 -7.27 -17.56 7.67
C SER A 109 -7.19 -17.89 6.18
N GLY A 110 -8.06 -17.27 5.39
CA GLY A 110 -7.95 -17.32 3.93
C GLY A 110 -8.49 -18.61 3.31
N THR A 111 -9.35 -19.30 4.03
CA THR A 111 -9.91 -20.57 3.53
C THR A 111 -11.27 -20.85 4.08
N LEU A 112 -12.10 -21.48 3.24
CA LEU A 112 -13.42 -21.98 3.63
C LEU A 112 -13.44 -23.52 3.62
N GLU A 113 -12.27 -24.16 3.60
CA GLU A 113 -12.16 -25.62 3.70
C GLU A 113 -12.98 -26.12 4.87
N PHE A 114 -13.87 -27.07 4.58
CA PHE A 114 -14.81 -27.55 5.57
C PHE A 114 -14.75 -29.06 5.56
N ASN A 115 -14.72 -29.67 6.74
CA ASN A 115 -14.76 -31.13 6.89
C ASN A 115 -16.00 -31.51 7.71
N ASN A 116 -16.87 -32.29 7.10
CA ASN A 116 -18.04 -32.82 7.78
C ASN A 116 -17.60 -33.77 8.87
N GLU A 117 -18.32 -33.76 9.99
CA GLU A 117 -18.11 -34.75 11.03
C GLU A 117 -19.44 -35.39 11.41
N SER A 118 -19.36 -36.61 11.94
CA SER A 118 -20.52 -37.43 12.32
C SER A 118 -20.94 -37.18 13.77
N PHE A 119 -21.64 -36.09 14.02
CA PHE A 119 -22.23 -35.80 15.34
C PHE A 119 -23.40 -36.73 15.56
N ASN A 120 -23.47 -37.32 16.75
CA ASN A 120 -24.53 -38.25 17.11
C ASN A 120 -25.65 -37.43 17.76
N TRP A 121 -26.60 -36.97 16.95
CA TRP A 121 -27.74 -36.19 17.47
C TRP A 121 -28.90 -37.13 17.84
N ALA A 122 -28.66 -37.94 18.87
CA ALA A 122 -29.61 -38.98 19.28
C ALA A 122 -30.92 -38.41 19.78
N GLY A 123 -32.00 -38.83 19.14
CA GLY A 123 -33.35 -38.60 19.64
C GLY A 123 -34.06 -37.35 19.18
N VAL A 124 -33.52 -36.67 18.14
CA VAL A 124 -34.14 -35.46 17.57
C VAL A 124 -34.27 -35.51 16.04
N THR A 125 -35.08 -34.61 15.49
CA THR A 125 -35.23 -34.47 14.05
C THR A 125 -34.15 -33.53 13.54
N GLN A 126 -33.44 -33.94 12.50
CA GLN A 126 -32.34 -33.14 11.89
C GLN A 126 -32.81 -32.42 10.65
N ASN A 127 -31.97 -31.53 10.16
CA ASN A 127 -32.11 -30.93 8.83
C ASN A 127 -33.34 -30.03 8.67
N GLY A 128 -33.71 -29.29 9.70
CA GLY A 128 -34.86 -28.36 9.58
C GLY A 128 -34.61 -27.31 8.51
N THR A 129 -35.69 -26.86 7.87
CA THR A 129 -35.58 -25.89 6.78
C THR A 129 -36.59 -24.76 6.94
N SER A 130 -36.52 -23.77 6.05
CA SER A 130 -37.41 -22.61 6.10
C SER A 130 -37.65 -22.00 4.72
N SER A 131 -38.82 -21.37 4.58
N SER A 131 -38.82 -21.39 4.56
CA SER A 131 -39.24 -20.70 3.37
CA SER A 131 -39.20 -20.72 3.32
C SER A 131 -38.48 -19.40 3.14
C SER A 131 -38.49 -19.37 3.14
N ALA A 132 -37.86 -18.88 4.20
CA ALA A 132 -36.98 -17.71 4.11
C ALA A 132 -35.58 -18.03 3.57
N CYS A 133 -35.27 -19.31 3.37
CA CYS A 133 -33.97 -19.75 2.90
C CYS A 133 -34.11 -20.81 1.82
N LYS A 134 -34.63 -20.40 0.67
CA LYS A 134 -34.89 -21.35 -0.42
C LYS A 134 -33.67 -21.71 -1.26
N ARG A 135 -33.62 -22.97 -1.66
CA ARG A 135 -32.81 -23.43 -2.78
C ARG A 135 -33.77 -24.01 -3.81
N ARG A 136 -33.72 -23.47 -5.03
CA ARG A 136 -34.50 -23.95 -6.18
C ARG A 136 -35.99 -24.09 -5.86
N SER A 137 -36.49 -23.09 -5.14
CA SER A 137 -37.87 -23.01 -4.64
C SER A 137 -38.26 -23.95 -3.50
N ASN A 138 -37.42 -24.92 -3.13
CA ASN A 138 -37.69 -25.73 -1.95
C ASN A 138 -37.28 -24.91 -0.74
N LYS A 139 -37.88 -25.23 0.40
CA LYS A 139 -37.37 -24.83 1.70
C LYS A 139 -35.96 -25.36 1.91
N SER A 140 -35.09 -24.53 2.46
CA SER A 140 -33.75 -24.99 2.74
C SER A 140 -33.22 -24.26 3.98
N PHE A 141 -31.91 -24.37 4.20
CA PHE A 141 -31.25 -23.75 5.34
C PHE A 141 -29.78 -23.53 5.02
N PHE A 142 -29.08 -22.81 5.89
CA PHE A 142 -27.62 -22.68 5.79
C PHE A 142 -27.01 -24.07 5.61
N SER A 143 -26.17 -24.21 4.58
CA SER A 143 -25.57 -25.50 4.27
C SER A 143 -24.71 -26.10 5.37
N ARG A 144 -24.03 -25.25 6.16
CA ARG A 144 -23.08 -25.73 7.15
C ARG A 144 -23.69 -25.91 8.55
N LEU A 145 -24.99 -25.63 8.70
CA LEU A 145 -25.67 -25.68 9.99
C LEU A 145 -26.83 -26.68 9.94
N ASN A 146 -27.22 -27.18 11.10
CA ASN A 146 -28.17 -28.28 11.18
C ASN A 146 -29.22 -27.91 12.20
N TRP A 147 -30.41 -27.53 11.71
CA TRP A 147 -31.51 -27.12 12.59
C TRP A 147 -32.22 -28.33 13.20
N LEU A 148 -31.98 -28.57 14.49
CA LEU A 148 -32.54 -29.72 15.22
C LEU A 148 -33.88 -29.34 15.86
N THR A 149 -34.87 -30.24 15.78
CA THR A 149 -36.22 -30.05 16.38
C THR A 149 -36.66 -31.37 17.03
N HIS A 150 -37.77 -31.33 17.76
CA HIS A 150 -38.31 -32.53 18.41
C HIS A 150 -38.49 -33.72 17.42
N LEU A 151 -38.37 -34.93 17.97
CA LEU A 151 -38.73 -36.19 17.33
C LEU A 151 -39.87 -36.83 18.16
N LYS A 152 -41.07 -36.82 17.59
CA LYS A 152 -42.33 -37.31 18.23
C LYS A 152 -42.56 -36.66 19.58
N TYR A 153 -42.53 -35.33 19.56
CA TYR A 153 -42.77 -34.46 20.70
C TYR A 153 -41.85 -34.69 21.90
N LYS A 154 -40.67 -35.24 21.64
CA LYS A 154 -39.58 -35.31 22.63
C LYS A 154 -38.33 -34.63 22.04
N TYR A 155 -37.62 -33.91 22.91
CA TYR A 155 -36.29 -33.41 22.60
C TYR A 155 -35.43 -33.79 23.81
N PRO A 156 -34.84 -34.99 23.79
CA PRO A 156 -34.06 -35.38 24.96
C PRO A 156 -32.77 -34.59 24.97
N ALA A 157 -32.22 -34.39 26.15
CA ALA A 157 -31.02 -33.58 26.30
C ALA A 157 -29.87 -34.09 25.42
N LEU A 158 -29.14 -33.16 24.82
CA LEU A 158 -27.99 -33.48 23.98
C LEU A 158 -26.75 -33.31 24.81
N ASN A 159 -25.79 -34.22 24.68
CA ASN A 159 -24.59 -34.21 25.47
C ASN A 159 -23.52 -34.92 24.64
N VAL A 160 -23.02 -34.17 23.67
CA VAL A 160 -22.36 -34.71 22.50
C VAL A 160 -20.93 -34.21 22.43
N THR A 161 -20.01 -35.10 22.06
CA THR A 161 -18.58 -34.87 22.13
C THR A 161 -18.00 -34.96 20.72
N MET A 162 -16.95 -34.18 20.42
CA MET A 162 -16.18 -34.35 19.19
C MET A 162 -14.72 -34.05 19.45
N PRO A 163 -13.89 -35.09 19.52
CA PRO A 163 -12.49 -34.86 19.84
C PRO A 163 -11.71 -34.30 18.65
N ASN A 164 -10.71 -33.47 18.92
CA ASN A 164 -9.81 -33.01 17.88
C ASN A 164 -8.52 -33.83 18.00
N ASN A 165 -8.41 -34.86 17.17
CA ASN A 165 -7.19 -35.69 17.07
C ASN A 165 -6.42 -35.34 15.82
N GLU A 166 -6.56 -34.10 15.37
CA GLU A 166 -5.87 -33.59 14.21
C GLU A 166 -4.62 -32.89 14.70
N LYS A 167 -3.83 -32.43 13.74
CA LYS A 167 -2.61 -31.68 13.96
C LYS A 167 -2.84 -30.17 13.90
N PHE A 168 -4.05 -29.75 13.52
CA PHE A 168 -4.41 -28.34 13.35
C PHE A 168 -5.61 -27.99 14.23
N ASP A 169 -5.84 -26.68 14.37
CA ASP A 169 -7.01 -26.17 15.06
C ASP A 169 -8.24 -26.32 14.18
N LYS A 170 -9.38 -26.52 14.84
CA LYS A 170 -10.68 -26.58 14.20
C LYS A 170 -11.52 -25.39 14.63
N LEU A 171 -12.19 -24.79 13.66
CA LEU A 171 -13.16 -23.72 13.88
C LEU A 171 -14.56 -24.24 13.68
N TYR A 172 -15.35 -24.17 14.75
CA TYR A 172 -16.76 -24.57 14.73
C TYR A 172 -17.69 -23.36 14.75
N ILE A 173 -18.65 -23.36 13.84
CA ILE A 173 -19.69 -22.36 13.78
C ILE A 173 -20.98 -23.03 14.18
N TRP A 174 -21.71 -22.38 15.08
CA TRP A 174 -22.95 -22.93 15.62
C TRP A 174 -23.85 -21.77 16.00
N GLY A 175 -25.09 -22.06 16.40
CA GLY A 175 -26.04 -20.99 16.68
C GLY A 175 -27.12 -21.35 17.67
N VAL A 176 -27.93 -20.33 18.00
CA VAL A 176 -29.10 -20.46 18.85
C VAL A 176 -30.28 -19.88 18.10
N HIS A 177 -31.40 -20.60 18.14
CA HIS A 177 -32.65 -20.10 17.57
C HIS A 177 -33.49 -19.45 18.66
N HIS A 178 -33.89 -18.20 18.40
CA HIS A 178 -34.77 -17.39 19.23
C HIS A 178 -36.19 -17.41 18.64
N PRO A 179 -37.09 -18.23 19.19
CA PRO A 179 -38.43 -18.24 18.63
C PRO A 179 -39.22 -17.00 18.90
N VAL A 180 -40.19 -16.77 18.04
CA VAL A 180 -41.01 -15.58 18.12
C VAL A 180 -41.97 -15.63 19.34
N THR A 181 -42.50 -16.83 19.65
CA THR A 181 -43.44 -16.99 20.78
C THR A 181 -43.21 -18.25 21.58
N ASP A 182 -43.78 -18.28 22.79
CA ASP A 182 -43.82 -19.47 23.64
C ASP A 182 -44.41 -20.69 22.97
N SER A 183 -45.45 -20.51 22.17
CA SER A 183 -46.06 -21.65 21.48
C SER A 183 -45.12 -22.14 20.38
N GLU A 184 -44.40 -21.22 19.73
CA GLU A 184 -43.44 -21.65 18.72
C GLU A 184 -42.30 -22.43 19.36
N GLN A 185 -41.87 -22.03 20.56
CA GLN A 185 -40.83 -22.74 21.30
C GLN A 185 -41.24 -24.20 21.56
N ILE A 186 -42.44 -24.37 22.11
CA ILE A 186 -42.96 -25.69 22.46
C ILE A 186 -43.12 -26.51 21.20
N SER A 187 -43.65 -25.90 20.16
CA SER A 187 -43.89 -26.59 18.91
C SER A 187 -42.63 -27.13 18.22
N LEU A 188 -41.50 -26.46 18.37
CA LEU A 188 -40.27 -26.90 17.76
C LEU A 188 -39.44 -27.77 18.67
N TYR A 189 -39.40 -27.45 19.96
CA TYR A 189 -38.45 -28.10 20.90
C TYR A 189 -39.10 -28.90 22.03
N ALA A 190 -40.42 -28.91 22.10
CA ALA A 190 -41.19 -29.75 23.07
C ALA A 190 -40.92 -29.44 24.55
N GLN A 191 -40.36 -28.27 24.85
CA GLN A 191 -40.14 -27.84 26.24
C GLN A 191 -39.90 -26.32 26.27
N ALA A 192 -40.07 -25.75 27.45
CA ALA A 192 -40.39 -24.34 27.65
C ALA A 192 -39.27 -23.38 27.30
N SER A 193 -38.05 -23.87 27.44
CA SER A 193 -36.91 -23.10 27.03
C SER A 193 -35.80 -24.06 26.77
N GLY A 194 -34.75 -23.53 26.17
CA GLY A 194 -33.51 -24.24 25.92
C GLY A 194 -32.42 -23.54 26.70
N ARG A 195 -31.25 -24.13 26.66
CA ARG A 195 -30.02 -23.50 27.15
C ARG A 195 -28.95 -24.25 26.41
N ILE A 196 -27.88 -23.57 26.01
CA ILE A 196 -26.83 -24.22 25.23
C ILE A 196 -25.51 -23.90 25.88
N THR A 197 -24.76 -24.93 26.23
CA THR A 197 -23.40 -24.75 26.70
C THR A 197 -22.43 -25.50 25.79
N VAL A 198 -21.55 -24.75 25.15
CA VAL A 198 -20.53 -25.31 24.28
C VAL A 198 -19.17 -25.07 24.93
N SER A 199 -18.45 -26.17 25.22
CA SER A 199 -17.19 -26.09 25.97
C SER A 199 -16.07 -26.92 25.40
N THR A 200 -14.88 -26.59 25.84
CA THR A 200 -13.68 -27.38 25.63
C THR A 200 -13.05 -27.49 27.02
N LYS A 201 -11.86 -28.07 27.08
CA LYS A 201 -11.04 -28.08 28.30
C LYS A 201 -10.61 -26.67 28.72
N ARG A 202 -10.49 -25.75 27.76
CA ARG A 202 -9.99 -24.39 28.05
C ARG A 202 -11.05 -23.29 28.08
N SER A 203 -12.22 -23.52 27.51
CA SER A 203 -13.18 -22.45 27.33
C SER A 203 -14.60 -22.95 27.49
N GLN A 204 -15.53 -22.04 27.71
CA GLN A 204 -16.96 -22.35 27.73
C GLN A 204 -17.79 -21.13 27.30
N GLN A 205 -18.90 -21.39 26.62
CA GLN A 205 -19.85 -20.36 26.23
C GLN A 205 -21.21 -20.91 26.52
N THR A 206 -22.03 -20.19 27.27
CA THR A 206 -23.45 -20.54 27.35
C THR A 206 -24.35 -19.42 26.87
N VAL A 207 -25.36 -19.83 26.10
CA VAL A 207 -26.25 -18.93 25.45
C VAL A 207 -27.66 -19.35 25.78
N ILE A 208 -28.47 -18.35 26.14
CA ILE A 208 -29.88 -18.48 26.49
C ILE A 208 -30.76 -17.94 25.35
N PRO A 209 -31.66 -18.78 24.79
CA PRO A 209 -32.60 -18.22 23.81
C PRO A 209 -33.54 -17.21 24.44
N ASN A 210 -33.93 -16.22 23.64
CA ASN A 210 -34.73 -15.09 24.09
C ASN A 210 -35.97 -15.04 23.22
N ILE A 211 -37.10 -15.48 23.77
CA ILE A 211 -38.33 -15.59 23.00
C ILE A 211 -38.98 -14.22 22.82
N GLY A 212 -39.40 -13.90 21.59
CA GLY A 212 -40.06 -12.62 21.32
C GLY A 212 -40.10 -12.19 19.87
N PHE A 213 -40.82 -11.10 19.61
CA PHE A 213 -40.96 -10.54 18.27
C PHE A 213 -39.81 -9.58 17.94
N ARG A 214 -39.22 -9.80 16.76
CA ARG A 214 -38.38 -8.84 16.06
C ARG A 214 -39.09 -8.48 14.75
N PRO A 215 -38.75 -7.31 14.18
CA PRO A 215 -39.39 -6.97 12.92
C PRO A 215 -39.14 -8.04 11.85
N ARG A 216 -40.16 -8.28 11.03
CA ARG A 216 -40.05 -9.30 10.00
C ARG A 216 -39.01 -9.00 8.95
N VAL A 217 -38.20 -10.01 8.65
CA VAL A 217 -37.19 -9.95 7.61
C VAL A 217 -37.41 -11.23 6.82
N ARG A 218 -37.66 -11.08 5.51
CA ARG A 218 -38.06 -12.21 4.66
C ARG A 218 -39.16 -13.01 5.36
N ASP A 219 -40.11 -12.25 5.89
CA ASP A 219 -41.32 -12.72 6.56
C ASP A 219 -41.14 -13.50 7.88
N ILE A 220 -39.96 -13.38 8.51
CA ILE A 220 -39.62 -14.10 9.73
C ILE A 220 -39.37 -13.10 10.86
N SER A 221 -40.08 -13.27 11.97
CA SER A 221 -39.91 -12.44 13.15
C SER A 221 -39.01 -13.03 14.24
N SER A 222 -38.61 -14.29 14.07
CA SER A 222 -37.60 -14.88 14.95
C SER A 222 -36.21 -14.56 14.38
N ARG A 223 -35.20 -15.01 15.12
CA ARG A 223 -33.79 -14.78 14.76
C ARG A 223 -32.94 -15.97 15.13
N ILE A 224 -31.82 -16.10 14.44
CA ILE A 224 -30.75 -16.98 14.86
C ILE A 224 -29.55 -16.11 15.25
N SER A 225 -28.86 -16.45 16.33
CA SER A 225 -27.62 -15.75 16.71
C SER A 225 -26.48 -16.73 16.56
N ILE A 226 -25.41 -16.30 15.90
CA ILE A 226 -24.30 -17.17 15.53
C ILE A 226 -23.12 -17.00 16.46
N TYR A 227 -22.51 -18.12 16.84
CA TYR A 227 -21.34 -18.19 17.73
C TYR A 227 -20.25 -19.05 17.09
N TRP A 228 -19.04 -18.97 17.63
CA TRP A 228 -17.96 -19.83 17.18
C TRP A 228 -17.07 -20.26 18.32
N THR A 229 -16.38 -21.38 18.08
CA THR A 229 -15.51 -21.99 19.05
C THR A 229 -14.32 -22.59 18.31
N ILE A 230 -13.10 -22.33 18.80
CA ILE A 230 -11.89 -22.93 18.26
C ILE A 230 -11.47 -24.07 19.20
N VAL A 231 -11.11 -25.21 18.61
CA VAL A 231 -10.72 -26.42 19.36
C VAL A 231 -9.29 -26.86 18.96
N LYS A 232 -8.38 -26.80 19.94
CA LYS A 232 -6.96 -27.08 19.69
C LYS A 232 -6.76 -28.59 19.61
N PRO A 233 -5.67 -29.04 18.95
CA PRO A 233 -5.29 -30.46 18.93
C PRO A 233 -5.22 -31.05 20.33
N GLY A 234 -5.89 -32.18 20.52
CA GLY A 234 -5.91 -32.88 21.81
C GLY A 234 -6.98 -32.37 22.75
N ASP A 235 -7.67 -31.29 22.36
CA ASP A 235 -8.83 -30.84 23.10
C ASP A 235 -10.06 -31.51 22.49
N ILE A 236 -11.22 -31.26 23.10
CA ILE A 236 -12.49 -31.93 22.82
C ILE A 236 -13.61 -30.87 22.85
N LEU A 237 -14.43 -30.81 21.80
CA LEU A 237 -15.69 -30.05 21.80
C LEU A 237 -16.82 -30.85 22.50
N LEU A 238 -17.53 -30.19 23.42
CA LEU A 238 -18.68 -30.74 24.12
C LEU A 238 -19.83 -29.78 23.93
N ILE A 239 -20.91 -30.27 23.34
CA ILE A 239 -22.11 -29.49 23.19
C ILE A 239 -23.15 -30.13 24.08
N ASN A 240 -23.69 -29.32 24.99
CA ASN A 240 -24.72 -29.75 25.94
C ASN A 240 -25.94 -28.81 25.84
N SER A 241 -27.09 -29.33 25.40
CA SER A 241 -28.26 -28.49 25.08
C SER A 241 -29.57 -29.24 25.23
N THR A 242 -30.62 -28.51 25.61
CA THR A 242 -31.97 -29.06 25.79
C THR A 242 -33.01 -28.52 24.78
N GLY A 243 -32.55 -27.86 23.72
CA GLY A 243 -33.42 -27.11 22.81
C GLY A 243 -32.71 -25.91 22.17
N ASN A 244 -33.22 -25.52 21.01
CA ASN A 244 -32.85 -24.27 20.34
C ASN A 244 -31.46 -24.25 19.69
N LEU A 245 -30.79 -25.39 19.67
CA LEU A 245 -29.45 -25.51 19.11
C LEU A 245 -29.54 -25.54 17.59
N ILE A 246 -28.76 -24.64 16.97
CA ILE A 246 -28.46 -24.69 15.55
C ILE A 246 -27.05 -25.31 15.47
N ALA A 247 -27.01 -26.57 15.09
CA ALA A 247 -25.85 -27.40 15.33
C ALA A 247 -24.81 -27.27 14.22
N PRO A 248 -23.52 -27.44 14.56
CA PRO A 248 -22.50 -27.56 13.51
C PRO A 248 -22.60 -28.86 12.74
N ARG A 249 -22.16 -28.87 11.47
CA ARG A 249 -22.07 -30.11 10.69
C ARG A 249 -20.64 -30.64 10.61
N GLY A 250 -19.71 -29.90 11.22
CA GLY A 250 -18.29 -30.20 11.07
C GLY A 250 -17.51 -28.94 11.36
N TYR A 251 -16.29 -28.85 10.86
CA TYR A 251 -15.40 -27.74 11.20
C TYR A 251 -14.76 -27.14 9.97
N PHE A 252 -14.33 -25.89 10.13
CA PHE A 252 -13.46 -25.22 9.15
C PHE A 252 -12.02 -25.35 9.59
N LYS A 253 -11.11 -25.49 8.60
CA LYS A 253 -9.68 -25.39 8.86
C LYS A 253 -9.39 -23.94 9.17
N ILE A 254 -8.49 -23.68 10.11
CA ILE A 254 -7.97 -22.35 10.30
C ILE A 254 -6.50 -22.41 9.92
N ARG A 255 -6.08 -21.53 9.03
CA ARG A 255 -4.69 -21.42 8.61
C ARG A 255 -4.16 -20.08 9.06
N SER A 256 -2.85 -19.89 9.04
CA SER A 256 -2.29 -18.54 9.16
C SER A 256 -1.48 -18.22 7.92
N GLY A 257 -1.48 -16.95 7.57
CA GLY A 257 -0.83 -16.52 6.33
C GLY A 257 -1.20 -15.10 6.01
N LYS A 258 -1.07 -14.78 4.72
CA LYS A 258 -1.18 -13.42 4.23
C LYS A 258 -2.58 -13.00 3.77
N SER A 259 -3.62 -13.77 4.06
CA SER A 259 -4.95 -13.46 3.53
C SER A 259 -5.66 -12.28 4.22
N SER A 260 -6.55 -11.60 3.48
CA SER A 260 -7.35 -10.53 4.02
C SER A 260 -8.64 -10.40 3.23
N ILE A 261 -9.38 -9.33 3.54
CA ILE A 261 -10.66 -8.99 2.94
C ILE A 261 -10.72 -7.49 2.69
N MET A 262 -11.40 -7.10 1.61
CA MET A 262 -11.46 -5.68 1.22
C MET A 262 -12.86 -5.39 0.71
N ARG A 263 -13.42 -4.27 1.12
CA ARG A 263 -14.69 -3.79 0.55
C ARG A 263 -14.39 -2.95 -0.69
N SER A 264 -14.90 -3.38 -1.83
CA SER A 264 -14.70 -2.64 -3.08
C SER A 264 -15.76 -3.02 -4.10
N ASP A 265 -16.14 -2.06 -4.93
CA ASP A 265 -16.97 -2.35 -6.10
C ASP A 265 -16.20 -2.26 -7.41
N ALA A 266 -14.87 -2.27 -7.35
CA ALA A 266 -14.08 -2.22 -8.56
C ALA A 266 -14.18 -3.56 -9.33
N PRO A 267 -14.33 -3.52 -10.66
CA PRO A 267 -14.30 -4.74 -11.44
C PRO A 267 -12.94 -5.48 -11.34
N ILE A 268 -12.98 -6.80 -11.40
CA ILE A 268 -11.75 -7.62 -11.45
C ILE A 268 -11.34 -7.75 -12.91
N GLY A 269 -10.06 -7.54 -13.21
CA GLY A 269 -9.53 -7.63 -14.56
C GLY A 269 -8.40 -8.65 -14.72
N LYS A 270 -8.15 -9.04 -15.96
CA LYS A 270 -7.03 -9.94 -16.27
C LYS A 270 -5.80 -9.10 -16.43
N CYS A 271 -4.98 -9.00 -15.41
CA CYS A 271 -3.79 -8.17 -15.44
C CYS A 271 -3.01 -8.48 -14.18
N ASN A 272 -1.82 -7.89 -14.08
CA ASN A 272 -0.89 -8.22 -13.03
C ASN A 272 -0.47 -6.97 -12.32
N SER A 273 -0.78 -6.86 -11.03
CA SER A 273 -0.36 -5.73 -10.22
C SER A 273 -0.24 -6.11 -8.73
N GLU A 274 0.89 -5.77 -8.11
CA GLU A 274 1.15 -6.19 -6.73
C GLU A 274 0.30 -5.46 -5.69
N CYS A 275 -0.06 -4.20 -5.97
CA CYS A 275 -0.73 -3.36 -4.97
C CYS A 275 -2.21 -3.20 -5.30
N ILE A 276 -3.07 -3.57 -4.35
CA ILE A 276 -4.51 -3.44 -4.47
C ILE A 276 -5.04 -2.42 -3.49
N THR A 277 -5.91 -1.54 -3.99
CA THR A 277 -6.73 -0.64 -3.19
C THR A 277 -8.20 -0.82 -3.57
N PRO A 278 -9.14 -0.30 -2.75
CA PRO A 278 -10.56 -0.37 -3.15
C PRO A 278 -10.91 0.33 -4.47
N ASN A 279 -10.10 1.29 -4.86
CA ASN A 279 -10.27 1.98 -6.13
C ASN A 279 -9.74 1.20 -7.33
N GLY A 280 -9.03 0.11 -7.10
CA GLY A 280 -8.33 -0.62 -8.12
C GLY A 280 -6.88 -0.79 -7.78
N SER A 281 -6.22 -1.61 -8.58
CA SER A 281 -4.80 -1.81 -8.44
C SER A 281 -4.05 -0.53 -8.80
N ILE A 282 -2.90 -0.33 -8.17
CA ILE A 282 -2.06 0.83 -8.46
C ILE A 282 -0.63 0.38 -8.67
N PRO A 283 0.12 1.07 -9.55
CA PRO A 283 1.56 0.79 -9.64
C PRO A 283 2.28 1.11 -8.34
N ASN A 284 3.39 0.43 -8.09
CA ASN A 284 4.07 0.51 -6.80
C ASN A 284 5.55 0.91 -6.94
N ASP A 285 5.88 1.57 -8.05
CA ASP A 285 7.22 2.18 -8.24
C ASP A 285 7.47 3.34 -7.23
N LYS A 286 6.44 4.12 -6.90
CA LYS A 286 6.63 5.31 -6.05
C LYS A 286 6.59 4.92 -4.57
N PRO A 287 7.27 5.70 -3.73
CA PRO A 287 7.26 5.36 -2.31
C PRO A 287 5.96 5.69 -1.59
N PHE A 288 5.21 6.64 -2.12
CA PHE A 288 4.00 7.14 -1.47
C PHE A 288 2.82 7.10 -2.46
N GLN A 289 1.61 7.21 -1.91
CA GLN A 289 0.41 7.23 -2.71
C GLN A 289 -0.67 7.93 -1.97
N ASN A 290 -1.58 8.51 -2.72
CA ASN A 290 -2.73 9.20 -2.12
C ASN A 290 -4.08 8.70 -2.66
N VAL A 291 -4.07 7.46 -3.12
CA VAL A 291 -5.26 6.82 -3.67
C VAL A 291 -6.20 6.36 -2.56
N ASN A 292 -5.69 5.61 -1.59
CA ASN A 292 -6.53 5.10 -0.52
C ASN A 292 -5.69 4.63 0.66
N ARG A 293 -6.18 4.87 1.86
CA ARG A 293 -5.49 4.40 3.05
C ARG A 293 -5.58 2.87 3.10
N ILE A 294 -6.64 2.32 2.52
CA ILE A 294 -6.85 0.87 2.49
C ILE A 294 -6.01 0.25 1.37
N THR A 295 -5.09 -0.63 1.76
CA THR A 295 -4.25 -1.31 0.79
C THR A 295 -4.02 -2.78 1.14
N TYR A 296 -3.60 -3.54 0.13
CA TYR A 296 -3.21 -4.96 0.25
C TYR A 296 -2.12 -5.22 -0.75
N GLY A 297 -1.05 -5.83 -0.29
CA GLY A 297 0.12 -6.16 -1.11
C GLY A 297 1.28 -5.21 -0.93
N ALA A 298 2.22 -5.25 -1.88
CA ALA A 298 3.41 -4.40 -1.88
C ALA A 298 2.99 -3.05 -2.43
N CYS A 299 2.68 -2.14 -1.51
CA CYS A 299 2.07 -0.87 -1.83
C CYS A 299 2.91 0.33 -1.38
N PRO A 300 2.86 1.44 -2.14
CA PRO A 300 3.35 2.68 -1.57
C PRO A 300 2.59 3.08 -0.28
N ARG A 301 3.23 3.90 0.56
CA ARG A 301 2.63 4.35 1.80
C ARG A 301 1.64 5.48 1.58
N TYR A 302 0.49 5.39 2.24
CA TYR A 302 -0.52 6.44 2.12
C TYR A 302 -0.12 7.75 2.82
N VAL A 303 -0.20 8.85 2.07
CA VAL A 303 0.04 10.20 2.56
C VAL A 303 -1.09 11.13 2.11
N LYS A 304 -1.17 12.29 2.77
CA LYS A 304 -2.21 13.27 2.47
C LYS A 304 -1.91 14.11 1.24
N GLN A 305 -0.63 14.28 0.90
CA GLN A 305 -0.24 15.10 -0.24
C GLN A 305 -0.65 14.43 -1.53
N ASN A 306 -1.06 15.23 -2.51
CA ASN A 306 -1.37 14.66 -3.82
C ASN A 306 -0.20 14.69 -4.82
N THR A 307 0.86 15.39 -4.47
CA THR A 307 2.08 15.44 -5.28
C THR A 307 3.25 15.79 -4.37
N LEU A 308 4.37 15.14 -4.61
CA LEU A 308 5.65 15.46 -3.93
C LEU A 308 6.75 15.24 -4.99
N LYS A 309 7.32 16.34 -5.49
CA LYS A 309 8.30 16.24 -6.56
C LYS A 309 9.72 16.22 -6.02
N LEU A 310 10.46 15.17 -6.38
CA LEU A 310 11.87 15.05 -6.01
C LEU A 310 12.71 15.59 -7.14
N ALA A 311 13.53 16.63 -6.88
CA ALA A 311 14.47 17.11 -7.88
C ALA A 311 15.43 15.99 -8.35
N THR A 312 15.64 15.92 -9.65
CA THR A 312 16.57 15.00 -10.26
C THR A 312 17.55 15.75 -11.15
N GLY A 313 17.72 17.05 -10.90
CA GLY A 313 18.64 17.88 -11.66
C GLY A 313 18.93 19.13 -10.85
N MET A 314 19.87 19.92 -11.37
CA MET A 314 20.31 21.14 -10.74
C MET A 314 19.27 22.25 -10.87
N ARG A 315 19.51 23.32 -10.15
CA ARG A 315 18.74 24.52 -10.35
C ARG A 315 18.73 24.96 -11.81
N ASN A 316 17.56 25.29 -12.33
CA ASN A 316 17.41 25.72 -13.72
C ASN A 316 17.53 27.24 -13.79
N VAL A 317 18.53 27.73 -14.54
CA VAL A 317 18.85 29.15 -14.64
C VAL A 317 18.86 29.50 -16.14
N PRO A 318 17.67 29.83 -16.68
CA PRO A 318 17.54 29.99 -18.13
C PRO A 318 18.28 31.20 -18.67
N GLU A 319 18.57 31.17 -19.96
CA GLU A 319 19.36 32.23 -20.63
C GLU A 319 18.61 33.55 -20.77
N GLY B 1 23.09 26.17 -4.35
CA GLY B 1 23.29 27.60 -4.00
C GLY B 1 24.34 27.85 -2.93
N ILE B 2 24.63 26.87 -2.07
CA ILE B 2 25.48 27.14 -0.91
C ILE B 2 26.95 27.37 -1.29
N PHE B 3 27.38 26.86 -2.46
CA PHE B 3 28.76 27.08 -2.96
C PHE B 3 28.87 28.37 -3.75
N GLY B 4 27.80 28.72 -4.43
CA GLY B 4 27.69 30.03 -5.03
C GLY B 4 28.01 30.12 -6.51
N ALA B 5 28.10 28.96 -7.17
CA ALA B 5 28.39 28.94 -8.60
C ALA B 5 27.11 28.97 -9.38
N ILE B 6 26.31 27.92 -9.28
CA ILE B 6 25.03 27.84 -9.98
C ILE B 6 24.02 28.83 -9.36
N ALA B 7 23.42 29.67 -10.22
CA ALA B 7 22.60 30.83 -9.79
C ALA B 7 23.42 31.83 -8.94
N GLY B 8 24.74 31.82 -9.12
CA GLY B 8 25.61 32.72 -8.37
C GLY B 8 26.58 33.38 -9.32
N PHE B 9 27.87 33.03 -9.22
CA PHE B 9 28.87 33.69 -10.09
C PHE B 9 28.79 33.26 -11.57
N ILE B 10 28.27 32.07 -11.84
CA ILE B 10 27.88 31.71 -13.20
CA ILE B 10 27.86 31.66 -13.19
C ILE B 10 26.52 32.34 -13.42
N GLU B 11 26.47 33.29 -14.35
CA GLU B 11 25.26 34.10 -14.58
C GLU B 11 24.01 33.30 -14.94
N ASN B 12 24.18 32.34 -15.82
CA ASN B 12 23.08 31.49 -16.21
C ASN B 12 23.57 30.20 -16.82
N GLY B 13 22.62 29.30 -17.02
CA GLY B 13 22.92 28.03 -17.65
C GLY B 13 22.93 28.13 -19.18
N TRP B 14 23.30 27.03 -19.82
CA TRP B 14 23.45 26.92 -21.28
C TRP B 14 22.41 25.95 -21.82
N GLU B 15 21.35 26.46 -22.42
CA GLU B 15 20.31 25.61 -23.01
C GLU B 15 20.84 24.80 -24.19
N GLY B 16 21.85 25.34 -24.87
CA GLY B 16 22.54 24.65 -25.97
C GLY B 16 23.50 23.54 -25.58
N MET B 17 23.71 23.27 -24.28
CA MET B 17 24.53 22.14 -23.87
C MET B 17 23.61 20.97 -23.58
N VAL B 18 23.55 20.05 -24.52
CA VAL B 18 22.67 18.89 -24.43
C VAL B 18 23.38 17.56 -24.26
N ASP B 19 24.71 17.54 -24.25
CA ASP B 19 25.46 16.29 -24.09
C ASP B 19 26.20 16.19 -22.77
N GLY B 20 25.90 17.11 -21.85
CA GLY B 20 26.43 17.05 -20.49
C GLY B 20 25.74 18.06 -19.58
N TRP B 21 26.04 17.98 -18.29
CA TRP B 21 25.46 18.89 -17.30
C TRP B 21 26.39 20.05 -17.02
N TYR B 22 27.69 19.84 -17.18
CA TYR B 22 28.70 20.88 -16.93
C TYR B 22 29.68 20.85 -18.08
N GLY B 23 30.36 21.96 -18.32
CA GLY B 23 31.37 21.95 -19.37
C GLY B 23 32.03 23.29 -19.60
N PHE B 24 32.59 23.43 -20.80
CA PHE B 24 33.47 24.52 -21.16
C PHE B 24 32.99 25.18 -22.45
N ARG B 25 33.01 26.52 -22.45
CA ARG B 25 32.93 27.30 -23.69
C ARG B 25 34.21 28.10 -23.85
N HIS B 26 34.74 28.21 -25.08
CA HIS B 26 35.97 28.95 -25.27
C HIS B 26 35.88 29.85 -26.47
N GLN B 27 36.77 30.83 -26.50
CA GLN B 27 37.07 31.60 -27.71
C GLN B 27 38.57 31.70 -27.81
N ASN B 28 39.11 31.45 -29.00
CA ASN B 28 40.52 31.62 -29.21
C ASN B 28 40.70 32.11 -30.66
N SER B 29 41.90 32.08 -31.18
CA SER B 29 42.10 32.66 -32.50
C SER B 29 41.61 31.76 -33.67
N GLU B 30 41.13 30.54 -33.39
CA GLU B 30 40.54 29.66 -34.40
C GLU B 30 39.01 29.58 -34.33
N GLY B 31 38.38 30.24 -33.36
CA GLY B 31 36.92 30.26 -33.23
C GLY B 31 36.43 30.11 -31.79
N THR B 32 35.24 29.53 -31.65
CA THR B 32 34.58 29.31 -30.35
C THR B 32 34.15 27.88 -30.25
N GLY B 33 33.95 27.38 -29.03
CA GLY B 33 33.49 26.00 -28.96
C GLY B 33 32.85 25.72 -27.62
N GLN B 34 32.10 24.62 -27.59
CA GLN B 34 31.53 24.10 -26.36
C GLN B 34 31.85 22.64 -26.26
N ALA B 35 32.18 22.16 -25.05
CA ALA B 35 32.32 20.73 -24.83
C ALA B 35 31.89 20.38 -23.40
N ALA B 36 31.20 19.26 -23.26
CA ALA B 36 30.80 18.78 -21.93
C ALA B 36 31.97 18.20 -21.19
N ASP B 37 31.95 18.34 -19.86
CA ASP B 37 32.89 17.64 -18.98
C ASP B 37 32.22 16.37 -18.44
N LEU B 38 32.74 15.21 -18.80
CA LEU B 38 32.03 13.96 -18.44
CA LEU B 38 32.15 13.89 -18.44
C LEU B 38 32.19 13.61 -16.92
N LYS B 39 33.35 13.90 -16.32
CA LYS B 39 33.60 13.56 -14.89
C LYS B 39 32.62 14.25 -13.93
N SER B 40 32.50 15.56 -14.08
CA SER B 40 31.61 16.34 -13.21
C SER B 40 30.15 15.95 -13.49
N THR B 41 29.82 15.77 -14.77
CA THR B 41 28.47 15.36 -15.17
C THR B 41 28.11 14.01 -14.49
N GLN B 42 29.01 13.06 -14.62
CA GLN B 42 28.76 11.72 -14.06
C GLN B 42 28.73 11.73 -12.52
N ALA B 43 29.55 12.57 -11.88
CA ALA B 43 29.53 12.71 -10.41
C ALA B 43 28.18 13.17 -9.89
N ALA B 44 27.59 14.17 -10.53
CA ALA B 44 26.26 14.67 -10.12
C ALA B 44 25.16 13.62 -10.36
N ILE B 45 25.15 13.07 -11.56
CA ILE B 45 24.18 12.03 -11.96
C ILE B 45 24.24 10.79 -11.02
N ASN B 46 25.46 10.34 -10.73
CA ASN B 46 25.64 9.17 -9.84
C ASN B 46 25.06 9.43 -8.45
N GLN B 47 25.21 10.64 -7.94
CA GLN B 47 24.68 10.97 -6.62
C GLN B 47 23.15 11.01 -6.60
N ILE B 48 22.57 11.59 -7.66
CA ILE B 48 21.10 11.66 -7.80
C ILE B 48 20.55 10.25 -8.00
N ASN B 49 21.22 9.44 -8.80
CA ASN B 49 20.81 8.03 -8.95
C ASN B 49 20.86 7.26 -7.61
N GLY B 50 21.81 7.58 -6.75
CA GLY B 50 21.87 7.01 -5.40
C GLY B 50 20.63 7.33 -4.58
N LYS B 51 20.15 8.56 -4.68
CA LYS B 51 18.88 8.93 -4.02
C LYS B 51 17.71 8.16 -4.59
N LEU B 52 17.63 8.09 -5.92
CA LEU B 52 16.55 7.35 -6.59
C LEU B 52 16.57 5.87 -6.25
N ASN B 53 17.76 5.29 -6.12
CA ASN B 53 17.87 3.87 -5.75
CA ASN B 53 17.90 3.88 -5.72
C ASN B 53 17.32 3.62 -4.34
N ARG B 54 17.29 4.63 -3.48
CA ARG B 54 16.79 4.42 -2.14
C ARG B 54 15.29 4.63 -2.05
N LEU B 55 14.74 5.36 -3.00
CA LEU B 55 13.32 5.75 -2.93
C LEU B 55 12.38 5.06 -3.91
N ILE B 56 12.88 4.64 -5.08
CA ILE B 56 12.04 4.06 -6.14
C ILE B 56 12.13 2.54 -6.11
N GLY B 57 10.98 1.89 -6.24
CA GLY B 57 10.87 0.44 -6.32
C GLY B 57 11.22 -0.29 -5.03
N LYS B 58 10.93 0.33 -3.88
CA LYS B 58 11.33 -0.24 -2.58
C LYS B 58 10.18 -0.41 -1.62
N THR B 59 8.98 -0.78 -2.11
CA THR B 59 7.82 -0.81 -1.21
C THR B 59 7.80 -2.03 -0.22
N ASN B 60 7.00 -1.80 0.81
CA ASN B 60 6.75 -2.64 1.96
C ASN B 60 5.42 -3.41 1.73
N GLU B 61 5.41 -4.73 1.93
CA GLU B 61 4.21 -5.53 1.78
C GLU B 61 3.42 -5.56 3.10
N LYS B 62 2.11 -5.28 3.05
CA LYS B 62 1.23 -5.44 4.20
C LYS B 62 -0.02 -6.22 3.75
N PHE B 63 -0.58 -6.99 4.67
CA PHE B 63 -1.64 -7.91 4.31
C PHE B 63 -2.85 -7.59 5.17
N HIS B 64 -3.25 -8.44 6.10
CA HIS B 64 -4.42 -8.13 6.92
C HIS B 64 -4.08 -7.08 7.97
N GLN B 65 -4.92 -6.06 8.11
CA GLN B 65 -4.61 -4.92 8.96
C GLN B 65 -5.83 -4.62 9.86
N ILE B 66 -6.22 -3.39 10.00
CA ILE B 66 -7.44 -3.01 10.72
C ILE B 66 -8.38 -2.41 9.70
N GLU B 67 -9.65 -2.35 10.06
CA GLU B 67 -10.64 -1.66 9.27
C GLU B 67 -10.47 -0.13 9.43
N LYS B 68 -10.79 0.57 8.35
CA LYS B 68 -10.56 2.00 8.22
C LYS B 68 -11.76 2.81 7.76
N GLU B 69 -12.86 2.15 7.41
CA GLU B 69 -14.14 2.76 7.14
C GLU B 69 -15.18 1.95 7.92
N PHE B 70 -16.27 2.61 8.35
CA PHE B 70 -17.25 1.99 9.26
C PHE B 70 -18.66 2.40 8.86
N SER B 71 -19.56 1.43 8.75
CA SER B 71 -20.97 1.71 8.38
C SER B 71 -21.85 2.07 9.57
N GLU B 72 -21.40 1.79 10.79
CA GLU B 72 -22.21 2.04 11.99
C GLU B 72 -21.41 2.83 13.04
N VAL B 73 -22.15 3.55 13.88
CA VAL B 73 -21.59 4.28 15.02
C VAL B 73 -21.34 3.26 16.12
N GLU B 74 -20.15 3.29 16.73
CA GLU B 74 -19.80 2.33 17.80
C GLU B 74 -19.19 2.89 19.09
N GLY B 75 -18.56 4.04 19.00
CA GLY B 75 -17.89 4.61 20.16
C GLY B 75 -16.45 4.18 20.32
N ARG B 76 -16.10 3.77 21.54
CA ARG B 76 -14.73 3.67 22.03
C ARG B 76 -13.75 2.90 21.13
N ILE B 77 -14.10 1.68 20.73
CA ILE B 77 -13.17 0.88 19.89
C ILE B 77 -12.96 1.52 18.51
N GLN B 78 -14.03 2.02 17.90
CA GLN B 78 -13.93 2.70 16.59
C GLN B 78 -13.15 4.03 16.67
N ASP B 79 -13.34 4.77 17.77
CA ASP B 79 -12.57 6.01 18.01
C ASP B 79 -11.07 5.66 18.01
N LEU B 80 -10.71 4.56 18.67
CA LEU B 80 -9.31 4.13 18.77
C LEU B 80 -8.78 3.67 17.41
N GLU B 81 -9.54 2.84 16.70
CA GLU B 81 -9.13 2.43 15.33
C GLU B 81 -8.87 3.63 14.41
N LYS B 82 -9.76 4.62 14.45
CA LYS B 82 -9.64 5.82 13.59
C LYS B 82 -8.44 6.67 14.02
N TYR B 83 -8.25 6.83 15.32
CA TYR B 83 -7.10 7.62 15.85
C TYR B 83 -5.75 6.98 15.54
N VAL B 84 -5.66 5.66 15.62
CA VAL B 84 -4.43 4.96 15.26
C VAL B 84 -4.10 5.24 13.79
N GLU B 85 -5.10 5.13 12.92
CA GLU B 85 -4.85 5.36 11.48
C GLU B 85 -4.52 6.82 11.16
N ASP B 86 -5.28 7.74 11.73
CA ASP B 86 -5.03 9.17 11.49
C ASP B 86 -3.61 9.56 12.02
N THR B 87 -3.23 9.02 13.16
CA THR B 87 -1.86 9.20 13.72
C THR B 87 -0.75 8.71 12.75
N LYS B 88 -0.94 7.49 12.21
CA LYS B 88 0.00 6.88 11.28
C LYS B 88 0.11 7.74 10.01
N ILE B 89 -1.01 8.13 9.44
CA ILE B 89 -1.00 8.88 8.18
C ILE B 89 -0.32 10.24 8.37
N ASP B 90 -0.57 10.88 9.52
CA ASP B 90 0.03 12.17 9.82
C ASP B 90 1.55 12.10 9.97
N LEU B 91 2.03 10.99 10.53
CA LEU B 91 3.48 10.80 10.73
C LEU B 91 4.15 10.47 9.40
N TRP B 92 3.51 9.64 8.58
CA TRP B 92 4.08 9.34 7.24
C TRP B 92 4.06 10.56 6.31
N SER B 93 3.00 11.37 6.39
CA SER B 93 2.86 12.58 5.57
C SER B 93 3.95 13.58 5.94
N TYR B 94 4.21 13.71 7.23
CA TYR B 94 5.36 14.49 7.72
C TYR B 94 6.69 13.95 7.20
N ASN B 95 6.91 12.63 7.33
CA ASN B 95 8.15 12.06 6.81
C ASN B 95 8.34 12.37 5.32
N ALA B 96 7.29 12.22 4.52
CA ALA B 96 7.38 12.44 3.06
C ALA B 96 7.69 13.91 2.74
N GLU B 97 7.03 14.82 3.47
CA GLU B 97 7.25 16.27 3.28
C GLU B 97 8.71 16.65 3.56
N LEU B 98 9.21 16.23 4.71
CA LEU B 98 10.57 16.56 5.12
C LEU B 98 11.62 15.92 4.20
N LEU B 99 11.35 14.69 3.77
CA LEU B 99 12.26 13.94 2.91
C LEU B 99 12.47 14.72 1.62
N VAL B 100 11.40 15.17 1.00
CA VAL B 100 11.53 15.84 -0.29
CA VAL B 100 11.48 15.86 -0.29
C VAL B 100 12.19 17.21 -0.10
N ALA B 101 11.79 17.94 0.93
CA ALA B 101 12.41 19.27 1.16
C ALA B 101 13.93 19.16 1.40
N LEU B 102 14.34 18.23 2.25
CA LEU B 102 15.77 17.98 2.59
CA LEU B 102 15.77 18.10 2.57
C LEU B 102 16.53 17.48 1.40
N GLU B 103 15.97 16.47 0.76
CA GLU B 103 16.64 15.89 -0.42
C GLU B 103 16.81 16.95 -1.53
N ASN B 104 15.80 17.75 -1.76
CA ASN B 104 15.85 18.77 -2.83
C ASN B 104 16.88 19.88 -2.51
N GLN B 105 16.91 20.30 -1.26
CA GLN B 105 17.94 21.28 -0.81
C GLN B 105 19.34 20.70 -1.09
N HIS B 106 19.56 19.45 -0.73
CA HIS B 106 20.83 18.79 -0.91
C HIS B 106 21.17 18.56 -2.38
N THR B 107 20.18 18.19 -3.21
CA THR B 107 20.42 18.03 -4.66
C THR B 107 20.91 19.35 -5.31
N ILE B 108 20.26 20.44 -4.95
CA ILE B 108 20.61 21.78 -5.46
C ILE B 108 22.05 22.12 -5.00
N ASP B 109 22.35 21.83 -3.73
CA ASP B 109 23.68 22.11 -3.21
C ASP B 109 24.79 21.20 -3.77
N LEU B 110 24.51 19.92 -3.98
CA LEU B 110 25.54 19.01 -4.51
C LEU B 110 25.81 19.30 -5.99
N THR B 111 24.78 19.70 -6.73
CA THR B 111 24.97 20.07 -8.14
C THR B 111 25.79 21.37 -8.28
N ASP B 112 25.53 22.32 -7.39
CA ASP B 112 26.32 23.58 -7.28
C ASP B 112 27.76 23.19 -6.94
N SER B 113 27.94 22.28 -5.98
CA SER B 113 29.26 21.79 -5.58
C SER B 113 30.06 21.25 -6.76
N GLU B 114 29.42 20.39 -7.59
CA GLU B 114 30.14 19.80 -8.72
C GLU B 114 30.55 20.88 -9.74
N MET B 115 29.69 21.88 -9.98
CA MET B 115 30.09 23.03 -10.81
C MET B 115 31.33 23.73 -10.19
N ASN B 116 31.27 24.02 -8.89
CA ASN B 116 32.36 24.68 -8.18
C ASN B 116 33.69 23.87 -8.25
N LYS B 117 33.60 22.56 -8.08
CA LYS B 117 34.80 21.72 -8.11
C LYS B 117 35.47 21.72 -9.49
N LEU B 118 34.66 21.75 -10.54
CA LEU B 118 35.18 21.83 -11.91
C LEU B 118 35.89 23.16 -12.12
N PHE B 119 35.25 24.23 -11.67
CA PHE B 119 35.85 25.55 -11.72
C PHE B 119 37.20 25.56 -10.99
N GLU B 120 37.22 25.07 -9.75
CA GLU B 120 38.46 25.05 -8.95
C GLU B 120 39.57 24.22 -9.61
N ARG B 121 39.23 23.07 -10.17
CA ARG B 121 40.22 22.21 -10.81
C ARG B 121 40.86 22.87 -12.02
N THR B 122 40.05 23.65 -12.75
CA THR B 122 40.52 24.35 -13.96
C THR B 122 41.41 25.53 -13.51
N LYS B 123 40.97 26.26 -12.48
CA LYS B 123 41.76 27.40 -11.94
C LYS B 123 43.18 26.97 -11.55
N LYS B 124 43.28 25.86 -10.84
CA LYS B 124 44.59 25.39 -10.33
C LYS B 124 45.47 24.93 -11.51
N GLN B 125 44.86 24.25 -12.46
CA GLN B 125 45.55 23.78 -13.63
C GLN B 125 46.26 24.90 -14.44
N LEU B 126 45.57 26.03 -14.57
CA LEU B 126 46.08 27.18 -15.34
C LEU B 126 47.22 27.94 -14.64
N ARG B 127 47.40 27.74 -13.33
CA ARG B 127 48.52 28.30 -12.54
C ARG B 127 48.61 29.81 -12.77
N GLU B 128 49.75 30.33 -13.27
CA GLU B 128 49.92 31.77 -13.43
C GLU B 128 49.65 32.20 -14.85
N ASN B 129 48.96 31.35 -15.63
CA ASN B 129 48.76 31.62 -17.07
C ASN B 129 47.41 32.24 -17.39
N ALA B 130 46.57 32.39 -16.37
CA ALA B 130 45.23 32.92 -16.57
C ALA B 130 44.73 33.65 -15.33
N GLU B 131 43.69 34.46 -15.50
CA GLU B 131 43.05 35.13 -14.39
C GLU B 131 41.53 34.89 -14.44
N ASP B 132 40.96 34.76 -13.24
CA ASP B 132 39.52 34.56 -13.03
C ASP B 132 38.82 35.91 -13.20
N MET B 133 37.95 35.98 -14.20
CA MET B 133 37.20 37.19 -14.50
C MET B 133 36.00 37.38 -13.57
N GLY B 134 35.70 36.40 -12.72
CA GLY B 134 34.67 36.56 -11.68
C GLY B 134 33.30 36.01 -12.06
N ASN B 135 33.16 35.53 -13.30
CA ASN B 135 31.86 35.09 -13.85
C ASN B 135 31.96 33.63 -14.37
N GLY B 136 32.92 32.90 -13.84
CA GLY B 136 33.26 31.56 -14.30
C GLY B 136 34.20 31.48 -15.50
N CYS B 137 34.69 32.62 -15.99
CA CYS B 137 35.52 32.64 -17.19
C CYS B 137 36.94 33.00 -16.77
N PHE B 138 37.91 32.41 -17.46
CA PHE B 138 39.30 32.71 -17.30
C PHE B 138 39.78 33.43 -18.54
N LYS B 139 40.53 34.52 -18.33
CA LYS B 139 41.26 35.13 -19.40
C LYS B 139 42.61 34.45 -19.43
N ILE B 140 42.92 33.79 -20.53
CA ILE B 140 44.16 33.04 -20.72
C ILE B 140 45.12 33.98 -21.45
N TYR B 141 46.28 34.21 -20.84
CA TYR B 141 47.21 35.26 -21.31
C TYR B 141 48.29 34.75 -22.30
N HIS B 142 47.91 33.76 -23.12
CA HIS B 142 48.79 33.24 -24.17
C HIS B 142 47.98 32.70 -25.32
N LYS B 143 48.61 32.57 -26.47
CA LYS B 143 47.95 31.95 -27.59
C LYS B 143 47.58 30.52 -27.18
N CYS B 144 46.32 30.14 -27.37
CA CYS B 144 45.84 28.84 -26.94
C CYS B 144 44.87 28.31 -28.01
N ASP B 145 45.46 27.64 -28.98
CA ASP B 145 44.73 27.06 -30.12
C ASP B 145 43.82 25.88 -29.69
N ASN B 146 43.13 25.28 -30.67
CA ASN B 146 42.20 24.19 -30.36
C ASN B 146 42.83 23.05 -29.58
N ALA B 147 44.04 22.63 -29.97
CA ALA B 147 44.74 21.58 -29.22
C ALA B 147 45.07 22.02 -27.79
N CYS B 148 45.48 23.27 -27.62
CA CYS B 148 45.74 23.82 -26.30
C CYS B 148 44.48 23.83 -25.45
N ILE B 149 43.35 24.26 -26.01
CA ILE B 149 42.07 24.27 -25.24
C ILE B 149 41.72 22.84 -24.85
N GLU B 150 41.83 21.90 -25.79
CA GLU B 150 41.57 20.49 -25.47
C GLU B 150 42.51 19.92 -24.40
N SER B 151 43.77 20.37 -24.35
CA SER B 151 44.69 19.91 -23.30
C SER B 151 44.19 20.33 -21.92
N ILE B 152 43.59 21.52 -21.83
CA ILE B 152 43.01 22.00 -20.58
C ILE B 152 41.81 21.12 -20.23
N ARG B 153 40.90 20.94 -21.19
CA ARG B 153 39.72 20.11 -20.99
C ARG B 153 40.01 18.66 -20.59
N ASN B 154 41.11 18.09 -21.08
CA ASN B 154 41.45 16.70 -20.74
C ASN B 154 42.55 16.48 -19.70
N GLY B 155 42.95 17.54 -19.02
CA GLY B 155 43.90 17.46 -17.92
C GLY B 155 45.33 17.21 -18.31
N THR B 156 45.72 17.50 -19.56
CA THR B 156 47.11 17.34 -20.00
C THR B 156 47.86 18.67 -20.23
N TYR B 157 47.21 19.79 -19.97
CA TYR B 157 47.83 21.13 -20.17
C TYR B 157 49.08 21.26 -19.31
N ASP B 158 50.18 21.63 -19.95
CA ASP B 158 51.45 21.79 -19.26
C ASP B 158 51.65 23.28 -19.10
N HIS B 159 51.42 23.80 -17.90
CA HIS B 159 51.49 25.25 -17.70
C HIS B 159 52.90 25.83 -17.98
N ASP B 160 53.94 25.01 -17.81
CA ASP B 160 55.31 25.49 -17.95
C ASP B 160 55.63 25.90 -19.38
N VAL B 161 54.96 25.26 -20.34
CA VAL B 161 55.15 25.53 -21.77
C VAL B 161 54.83 26.99 -22.08
N TYR B 162 53.80 27.53 -21.44
CA TYR B 162 53.25 28.83 -21.78
C TYR B 162 53.57 29.94 -20.76
N ARG B 163 54.24 29.60 -19.66
CA ARG B 163 54.35 30.50 -18.52
C ARG B 163 55.09 31.80 -18.85
N ASP B 164 56.21 31.72 -19.58
CA ASP B 164 56.96 32.93 -19.92
C ASP B 164 56.11 33.91 -20.74
N GLU B 165 55.41 33.38 -21.74
CA GLU B 165 54.50 34.15 -22.58
C GLU B 165 53.40 34.81 -21.75
N ALA B 166 52.79 34.02 -20.86
CA ALA B 166 51.67 34.51 -20.04
C ALA B 166 52.09 35.57 -19.04
N LEU B 167 53.20 35.33 -18.35
CA LEU B 167 53.68 36.32 -17.38
C LEU B 167 54.01 37.63 -18.07
N ASN B 168 54.69 37.56 -19.22
CA ASN B 168 54.95 38.77 -19.97
C ASN B 168 53.62 39.52 -20.33
N ASN B 169 52.59 38.80 -20.75
CA ASN B 169 51.32 39.46 -21.08
C ASN B 169 50.57 39.99 -19.84
N ARG B 170 50.57 39.23 -18.74
CA ARG B 170 49.86 39.65 -17.51
C ARG B 170 50.43 40.87 -16.85
N PHE B 171 51.75 40.91 -16.75
CA PHE B 171 52.43 41.84 -15.89
C PHE B 171 53.11 42.94 -16.67
N GLN B 172 52.57 43.18 -17.87
CA GLN B 172 52.93 44.33 -18.71
C GLN B 172 52.46 45.65 -18.09
N ILE B 173 52.90 46.74 -18.70
CA ILE B 173 52.41 48.10 -18.43
C ILE B 173 52.00 48.77 -19.75
#